data_3CW8
#
_entry.id   3CW8
#
_cell.length_a   128.583
_cell.length_b   128.583
_cell.length_c   72.318
_cell.angle_alpha   90.00
_cell.angle_beta   90.00
_cell.angle_gamma   120.00
#
_symmetry.space_group_name_H-M   'P 32 2 1'
#
loop_
_entity.id
_entity.type
_entity.pdbx_description
1 polymer '4-chlorobenzoyl CoA ligase'
2 non-polymer "5'-O-[(S)-{[(4-chlorophenyl)carbonyl]oxy}(hydroxy)phosphoryl]adenosine"
3 non-polymer 1,2-ETHANEDIOL
4 water water
#
_entity_poly.entity_id   1
_entity_poly.type   'polypeptide(L)'
_entity_poly.pdbx_seq_one_letter_code
;MQTVNEMLRRAATRAPDHCALAVPARGLRLTHAELRARVEAVAARLHADGLRPQQRVAVVAPNSADVVIAILALHRLGAV
PALLNPRLKSAELAELIKRGEMTAAVIAVGRQVADAIFQSGSGARIIFLGDLVRDGEPYSYGPPIEDPQREPAQPAFIFY
TSGTTGLPKAAIIPQRAAESRVLFMSTQVGLRHGRHNVVLGLMPLYHVVGFFAVLVAALALDGTYVVIEEFRPVDALQLV
QQEQVTSLFATPTHLDALAAAAAHAGSSLKLDSLRHVTFAGATMPDAVLETVHQHLPGEKVNIYGTTEAMNSLYMRQPKT
GTEMAPGFFSEVRIVRIGGGVDEIVANGEEGELIVAASDSAFVGYLNQPEATAEKLQDGWYRTSDVAVWTPEGTVRILGR
VDDMIISGGENIHPSEIERVLGTAPGVTEVVVIGLADQRWGQSVTACVVPRLGETLSADALDTFCRSSELADFKRPKRYF
ILDQLPKNALNKVLRRQLVQQVSS
;
_entity_poly.pdbx_strand_id   X
#
loop_
_chem_comp.id
_chem_comp.type
_chem_comp.name
_chem_comp.formula
00A non-polymer 5'-O-[(S)-{[(4-chlorophenyl)carbonyl]oxy}(hydroxy)phosphoryl]adenosine 'C17 H17 Cl N5 O8 P'
EDO non-polymer 1,2-ETHANEDIOL 'C2 H6 O2'
#
# COMPACT_ATOMS: atom_id res chain seq x y z
N MET A 1 8.58 1.00 24.04
CA MET A 1 8.20 1.28 22.61
C MET A 1 8.49 2.74 22.32
N GLN A 2 8.53 3.11 21.02
CA GLN A 2 8.40 4.50 20.58
C GLN A 2 7.18 4.52 19.69
N THR A 3 6.20 5.34 20.03
CA THR A 3 5.00 5.49 19.24
C THR A 3 5.41 6.38 18.08
N VAL A 4 4.55 6.51 17.09
CA VAL A 4 4.78 7.49 16.04
C VAL A 4 5.12 8.84 16.67
N ASN A 5 4.30 9.27 17.63
CA ASN A 5 4.47 10.59 18.24
C ASN A 5 5.84 10.76 18.86
N GLU A 6 6.26 9.73 19.57
CA GLU A 6 7.54 9.78 20.31
C GLU A 6 8.77 9.74 19.37
N MET A 7 8.64 9.01 18.26
CA MET A 7 9.72 8.99 17.26
C MET A 7 9.91 10.38 16.65
N LEU A 8 8.80 11.04 16.37
CA LEU A 8 8.85 12.36 15.73
C LEU A 8 9.26 13.41 16.74
N ARG A 9 8.80 13.22 17.97
CA ARG A 9 9.17 14.14 19.05
C ARG A 9 10.68 14.10 19.27
N ARG A 10 11.25 12.89 19.40
CA ARG A 10 12.71 12.76 19.62
C ARG A 10 13.50 13.35 18.47
N ALA A 11 13.02 13.11 17.26
CA ALA A 11 13.65 13.63 16.05
C ALA A 11 13.72 15.16 16.10
N ALA A 12 12.61 15.79 16.49
CA ALA A 12 12.53 17.25 16.67
C ALA A 12 13.48 17.82 17.71
N THR A 13 13.71 17.10 18.82
CA THR A 13 14.72 17.55 19.78
C THR A 13 16.13 17.45 19.16
N ARG A 14 16.33 16.46 18.27
CA ARG A 14 17.66 16.24 17.66
C ARG A 14 17.97 17.17 16.48
N ALA A 15 16.96 17.44 15.64
CA ALA A 15 17.14 18.22 14.41
C ALA A 15 16.07 19.35 14.28
N PRO A 16 15.91 20.23 15.31
CA PRO A 16 14.80 21.19 15.29
C PRO A 16 14.74 22.11 14.06
N ASP A 17 15.88 22.55 13.55
CA ASP A 17 15.94 23.53 12.47
C ASP A 17 16.27 22.93 11.11
N HIS A 18 16.27 21.60 11.02
CA HIS A 18 16.43 20.94 9.74
C HIS A 18 15.02 20.83 9.08
N CYS A 19 14.96 20.83 7.75
CA CYS A 19 13.72 20.72 6.99
C CYS A 19 13.07 19.34 7.18
N ALA A 20 11.82 19.35 7.67
CA ALA A 20 10.98 18.16 7.88
C ALA A 20 10.03 17.91 6.70
N LEU A 21 9.34 18.98 6.25
CA LEU A 21 8.41 18.95 5.11
C LEU A 21 8.79 19.95 4.04
N ALA A 22 8.94 19.46 2.81
CA ALA A 22 9.19 20.32 1.66
C ALA A 22 8.04 20.14 0.67
N VAL A 23 7.46 21.26 0.24
CA VAL A 23 6.45 21.24 -0.81
C VAL A 23 6.90 22.23 -1.89
N PRO A 24 7.75 21.75 -2.83
CA PRO A 24 8.50 22.54 -3.81
C PRO A 24 7.59 23.40 -4.72
N ALA A 25 6.64 22.75 -5.39
CA ALA A 25 5.60 23.43 -6.18
C ALA A 25 5.01 24.66 -5.46
N ARG A 26 4.74 24.52 -4.16
CA ARG A 26 4.10 25.60 -3.40
C ARG A 26 5.09 26.48 -2.62
N GLY A 27 6.37 26.18 -2.74
CA GLY A 27 7.39 26.94 -2.04
C GLY A 27 7.14 26.96 -0.54
N LEU A 28 6.72 25.82 -0.01
CA LEU A 28 6.54 25.69 1.42
C LEU A 28 7.57 24.74 2.03
N ARG A 29 8.22 25.19 3.10
CA ARG A 29 9.21 24.36 3.82
C ARG A 29 9.00 24.51 5.32
N LEU A 30 8.95 23.40 6.03
CA LEU A 30 8.87 23.49 7.49
C LEU A 30 9.95 22.65 8.12
N THR A 31 10.57 23.23 9.16
CA THR A 31 11.60 22.54 9.92
C THR A 31 10.89 21.54 10.83
N HIS A 32 11.67 20.65 11.43
CA HIS A 32 11.15 19.70 12.39
C HIS A 32 10.46 20.42 13.55
N ALA A 33 11.11 21.48 14.07
CA ALA A 33 10.53 22.35 15.11
C ALA A 33 9.22 23.07 14.69
N GLU A 34 9.22 23.61 13.47
CA GLU A 34 8.03 24.29 12.94
C GLU A 34 6.86 23.34 12.74
N LEU A 35 7.14 22.13 12.26
CA LEU A 35 6.11 21.12 12.05
C LEU A 35 5.52 20.74 13.40
N ARG A 36 6.38 20.53 14.37
CA ARG A 36 5.96 20.24 15.73
C ARG A 36 5.03 21.32 16.28
N ALA A 37 5.39 22.58 16.08
CA ALA A 37 4.58 23.70 16.60
C ALA A 37 3.15 23.63 16.06
N ARG A 38 3.06 23.29 14.78
CA ARG A 38 1.77 23.24 14.09
C ARG A 38 0.98 22.00 14.45
N VAL A 39 1.66 20.87 14.58
CA VAL A 39 1.06 19.65 15.16
C VAL A 39 0.42 19.95 16.54
N GLU A 40 1.17 20.60 17.42
CA GLU A 40 0.67 20.97 18.75
C GLU A 40 -0.51 21.94 18.68
N ALA A 41 -0.43 22.92 17.78
CA ALA A 41 -1.48 23.94 17.66
C ALA A 41 -2.75 23.34 17.08
N VAL A 42 -2.64 22.44 16.08
CA VAL A 42 -3.85 21.83 15.51
C VAL A 42 -4.44 20.87 16.53
N ALA A 43 -3.59 20.13 17.24
CA ALA A 43 -4.05 19.26 18.35
C ALA A 43 -4.89 20.02 19.39
N ALA A 44 -4.35 21.12 19.92
CA ALA A 44 -5.06 21.95 20.91
C ALA A 44 -6.40 22.44 20.40
N ARG A 45 -6.41 22.98 19.17
CA ARG A 45 -7.65 23.39 18.49
C ARG A 45 -8.71 22.29 18.46
N LEU A 46 -8.32 21.08 18.05
CA LEU A 46 -9.24 19.94 18.05
C LEU A 46 -9.70 19.56 19.46
N HIS A 47 -8.82 19.70 20.44
CA HIS A 47 -9.15 19.36 21.83
C HIS A 47 -10.12 20.38 22.40
N ALA A 48 -9.98 21.65 22.02
CA ALA A 48 -10.87 22.70 22.47
C ALA A 48 -12.28 22.51 21.92
N ASP A 49 -12.38 21.90 20.75
CA ASP A 49 -13.67 21.61 20.14
C ASP A 49 -14.24 20.27 20.61
N GLY A 50 -13.56 19.65 21.58
CA GLY A 50 -14.09 18.47 22.27
C GLY A 50 -13.65 17.08 21.79
N LEU A 51 -12.57 17.01 21.02
CA LEU A 51 -12.01 15.72 20.61
C LEU A 51 -11.12 15.15 21.73
N ARG A 52 -11.25 13.85 21.98
CA ARG A 52 -10.57 13.19 23.09
C ARG A 52 -9.89 11.89 22.63
N PRO A 53 -8.85 11.42 23.36
CA PRO A 53 -8.14 10.17 23.09
C PRO A 53 -9.01 8.96 22.78
N GLN A 54 -8.48 8.05 21.95
CA GLN A 54 -9.14 6.78 21.57
C GLN A 54 -10.43 6.90 20.71
N GLN A 55 -10.88 8.13 20.50
CA GLN A 55 -11.97 8.41 19.59
C GLN A 55 -11.43 8.27 18.19
N ARG A 56 -12.24 7.77 17.28
CA ARG A 56 -11.79 7.57 15.90
C ARG A 56 -12.16 8.72 14.98
N VAL A 57 -11.17 9.17 14.20
CA VAL A 57 -11.40 10.22 13.21
C VAL A 57 -10.97 9.75 11.83
N ALA A 58 -11.96 9.66 10.96
CA ALA A 58 -11.75 9.38 9.54
C ALA A 58 -10.97 10.52 8.90
N VAL A 59 -10.00 10.17 8.06
CA VAL A 59 -9.27 11.17 7.30
C VAL A 59 -9.38 10.80 5.83
N VAL A 60 -9.91 11.73 5.02
CA VAL A 60 -10.12 11.49 3.58
C VAL A 60 -9.57 12.64 2.73
N ALA A 61 -8.34 12.50 2.23
CA ALA A 61 -7.68 13.56 1.47
C ALA A 61 -6.51 13.05 0.63
N PRO A 62 -6.24 13.71 -0.53
CA PRO A 62 -5.00 13.48 -1.26
C PRO A 62 -3.78 13.87 -0.42
N ASN A 63 -2.59 13.40 -0.82
CA ASN A 63 -1.35 13.77 -0.11
C ASN A 63 -1.16 15.30 -0.20
N SER A 64 -0.81 15.91 0.93
CA SER A 64 -0.53 17.35 1.06
C SER A 64 0.16 17.53 2.40
N ALA A 65 0.83 18.66 2.60
CA ALA A 65 1.45 18.99 3.90
C ALA A 65 0.41 19.16 5.01
N ASP A 66 -0.76 19.67 4.61
CA ASP A 66 -1.85 19.97 5.53
C ASP A 66 -2.44 18.72 6.15
N VAL A 67 -2.56 17.66 5.36
CA VAL A 67 -3.07 16.38 5.85
C VAL A 67 -2.06 15.66 6.76
N VAL A 68 -0.77 15.78 6.42
CA VAL A 68 0.31 15.29 7.31
C VAL A 68 0.18 15.99 8.67
N ILE A 69 0.10 17.32 8.67
CA ILE A 69 -0.12 18.05 9.92
C ILE A 69 -1.35 17.59 10.67
N ALA A 70 -2.47 17.39 9.98
CA ALA A 70 -3.73 16.97 10.59
C ALA A 70 -3.68 15.56 11.20
N ILE A 71 -3.11 14.62 10.44
CA ILE A 71 -3.01 13.24 10.88
C ILE A 71 -2.11 13.21 12.13
N LEU A 72 -0.97 13.88 12.05
CA LEU A 72 -0.06 13.86 13.18
C LEU A 72 -0.66 14.56 14.42
N ALA A 73 -1.50 15.56 14.18
CA ALA A 73 -2.16 16.28 15.26
C ALA A 73 -3.21 15.43 15.97
N LEU A 74 -3.98 14.66 15.20
CA LEU A 74 -4.93 13.69 15.75
C LEU A 74 -4.21 12.66 16.64
N HIS A 75 -3.11 12.09 16.15
CA HIS A 75 -2.28 11.16 16.94
C HIS A 75 -1.70 11.81 18.19
N ARG A 76 -1.13 13.00 18.01
CA ARG A 76 -0.58 13.77 19.12
C ARG A 76 -1.64 13.98 20.22
N LEU A 77 -2.89 14.22 19.80
CA LEU A 77 -3.99 14.41 20.74
C LEU A 77 -4.33 13.10 21.45
N GLY A 78 -4.15 11.98 20.75
CA GLY A 78 -4.54 10.69 21.29
C GLY A 78 -5.65 10.01 20.54
N ALA A 79 -6.33 10.76 19.65
CA ALA A 79 -7.39 10.19 18.83
C ALA A 79 -6.78 9.22 17.82
N VAL A 80 -7.60 8.28 17.34
CA VAL A 80 -7.17 7.21 16.42
C VAL A 80 -7.56 7.57 14.98
N PRO A 81 -6.58 7.96 14.15
CA PRO A 81 -6.89 8.27 12.76
C PRO A 81 -7.20 7.04 11.89
N ALA A 82 -8.31 7.15 11.15
CA ALA A 82 -8.78 6.13 10.20
C ALA A 82 -8.63 6.63 8.76
N LEU A 83 -7.56 6.20 8.13
CA LEU A 83 -7.16 6.76 6.86
C LEU A 83 -7.83 6.06 5.67
N LEU A 84 -8.46 6.86 4.81
CA LEU A 84 -9.31 6.33 3.78
C LEU A 84 -8.89 6.82 2.39
N ASN A 85 -8.79 5.90 1.45
CA ASN A 85 -8.58 6.24 0.04
C ASN A 85 -9.67 7.22 -0.47
N PRO A 86 -9.26 8.41 -0.95
CA PRO A 86 -10.21 9.39 -1.49
C PRO A 86 -10.85 8.99 -2.82
N ARG A 87 -10.30 7.99 -3.49
CA ARG A 87 -10.89 7.50 -4.72
C ARG A 87 -12.11 6.59 -4.47
N LEU A 88 -12.32 6.19 -3.22
CA LEU A 88 -13.54 5.43 -2.89
C LEU A 88 -14.79 6.24 -3.20
N LYS A 89 -15.83 5.55 -3.70
CA LYS A 89 -17.13 6.18 -3.92
C LYS A 89 -17.66 6.74 -2.59
N SER A 90 -18.32 7.89 -2.69
CA SER A 90 -18.88 8.61 -1.54
C SER A 90 -19.66 7.70 -0.60
N ALA A 91 -20.50 6.88 -1.19
CA ALA A 91 -21.36 5.95 -0.48
C ALA A 91 -20.56 4.91 0.30
N GLU A 92 -19.51 4.35 -0.30
CA GLU A 92 -18.66 3.43 0.46
C GLU A 92 -17.90 4.14 1.61
N LEU A 93 -17.49 5.38 1.39
CA LEU A 93 -16.82 6.17 2.44
C LEU A 93 -17.77 6.48 3.60
N ALA A 94 -19.01 6.82 3.26
CA ALA A 94 -20.04 7.15 4.24
C ALA A 94 -20.41 5.96 5.11
N GLU A 95 -20.42 4.78 4.48
CA GLU A 95 -20.72 3.54 5.17
C GLU A 95 -19.56 3.03 6.05
N LEU A 96 -18.32 3.23 5.61
CA LEU A 96 -17.18 2.80 6.44
C LEU A 96 -17.06 3.67 7.68
N ILE A 97 -17.15 4.97 7.51
CA ILE A 97 -17.16 5.91 8.62
C ILE A 97 -18.26 5.54 9.64
N LYS A 98 -19.42 5.13 9.11
CA LYS A 98 -20.57 4.70 9.90
C LYS A 98 -20.30 3.41 10.67
N ARG A 99 -19.87 2.36 9.96
CA ARG A 99 -19.55 1.09 10.60
C ARG A 99 -18.48 1.24 11.68
N GLY A 100 -17.56 2.19 11.47
CA GLY A 100 -16.46 2.43 12.40
C GLY A 100 -16.81 3.20 13.66
N GLU A 101 -18.04 3.71 13.74
CA GLU A 101 -18.50 4.52 14.89
C GLU A 101 -17.47 5.62 15.21
N MET A 102 -17.36 6.56 14.28
CA MET A 102 -16.35 7.58 14.31
C MET A 102 -16.90 8.90 14.81
N THR A 103 -16.10 9.56 15.65
CA THR A 103 -16.48 10.82 16.27
C THR A 103 -16.48 12.00 15.27
N ALA A 104 -15.61 11.93 14.26
CA ALA A 104 -15.47 13.03 13.31
C ALA A 104 -14.82 12.55 12.02
N ALA A 105 -14.83 13.41 11.01
CA ALA A 105 -14.24 13.10 9.70
C ALA A 105 -13.56 14.32 9.09
N VAL A 106 -12.26 14.21 8.88
CA VAL A 106 -11.50 15.29 8.27
C VAL A 106 -11.42 15.01 6.77
N ILE A 107 -11.99 15.91 5.97
CA ILE A 107 -12.06 15.68 4.53
C ILE A 107 -11.57 16.83 3.68
N ALA A 108 -10.92 16.50 2.58
CA ALA A 108 -10.44 17.44 1.59
C ALA A 108 -10.85 16.88 0.22
N VAL A 109 -12.11 16.48 0.13
CA VAL A 109 -12.73 15.97 -1.09
C VAL A 109 -14.03 16.78 -1.25
N GLY A 110 -14.85 16.45 -2.24
CA GLY A 110 -16.01 17.27 -2.58
C GLY A 110 -17.08 17.53 -1.53
N ARG A 111 -18.04 18.39 -1.91
CA ARG A 111 -19.28 18.60 -1.15
C ARG A 111 -20.18 17.34 -1.18
N GLN A 112 -20.03 16.54 -2.25
CA GLN A 112 -20.84 15.32 -2.47
C GLN A 112 -20.56 14.24 -1.41
N VAL A 113 -19.29 14.07 -1.05
CA VAL A 113 -18.92 13.20 0.06
C VAL A 113 -19.59 13.71 1.35
N ALA A 114 -19.33 15.01 1.62
CA ALA A 114 -19.82 15.67 2.83
C ALA A 114 -21.32 15.46 3.01
N ASP A 115 -22.09 15.68 1.92
CA ASP A 115 -23.51 15.30 1.86
C ASP A 115 -23.68 13.86 2.29
N ALA A 116 -23.08 12.94 1.47
CA ALA A 116 -23.26 11.51 1.72
C ALA A 116 -22.94 11.08 3.17
N ILE A 117 -21.95 11.71 3.81
CA ILE A 117 -21.73 11.42 5.23
C ILE A 117 -22.96 11.85 6.05
N PHE A 118 -23.33 13.13 5.93
CA PHE A 118 -24.50 13.67 6.63
C PHE A 118 -25.78 12.86 6.38
N GLN A 119 -25.97 12.47 5.11
CA GLN A 119 -27.19 11.80 4.66
C GLN A 119 -27.26 10.29 5.00
N SER A 120 -26.22 9.77 5.72
CA SER A 120 -26.06 8.32 6.05
C SER A 120 -26.63 7.99 7.41
N GLY A 121 -26.70 9.00 8.31
CA GLY A 121 -27.15 8.84 9.70
C GLY A 121 -26.05 8.55 10.72
N SER A 122 -24.79 8.52 10.29
CA SER A 122 -23.69 8.35 11.26
C SER A 122 -23.52 9.64 12.04
N GLY A 123 -23.17 9.53 13.31
CA GLY A 123 -22.97 10.71 14.16
C GLY A 123 -21.70 11.51 13.92
N ALA A 124 -20.89 11.11 12.95
CA ALA A 124 -19.56 11.72 12.68
C ALA A 124 -19.56 13.19 12.27
N ARG A 125 -18.86 14.02 13.04
CA ARG A 125 -18.77 15.46 12.75
C ARG A 125 -17.84 15.77 11.56
N ILE A 126 -18.36 16.51 10.59
CA ILE A 126 -17.61 16.87 9.38
C ILE A 126 -16.63 18.05 9.56
N ILE A 127 -15.34 17.77 9.38
CA ILE A 127 -14.30 18.79 9.38
C ILE A 127 -13.61 18.91 8.02
N PHE A 128 -13.69 20.09 7.40
CA PHE A 128 -12.93 20.38 6.18
C PHE A 128 -11.48 20.67 6.56
N LEU A 129 -10.56 19.99 5.91
CA LEU A 129 -9.13 20.10 6.18
C LEU A 129 -8.67 21.56 6.19
N GLY A 130 -9.06 22.31 5.16
CA GLY A 130 -8.64 23.72 5.04
C GLY A 130 -9.20 24.62 6.12
N ASP A 131 -10.11 24.07 6.93
CA ASP A 131 -10.61 24.76 8.11
C ASP A 131 -9.70 24.50 9.31
N LEU A 132 -8.95 23.39 9.28
CA LEU A 132 -7.99 23.07 10.35
C LEU A 132 -6.60 23.69 10.14
N VAL A 133 -6.06 23.47 8.94
CA VAL A 133 -4.73 23.94 8.55
C VAL A 133 -4.72 24.19 7.04
N ARG A 134 -4.14 25.30 6.62
CA ARG A 134 -4.14 25.65 5.21
C ARG A 134 -2.75 26.12 4.86
N ASP A 135 -2.12 25.42 3.90
CA ASP A 135 -0.77 25.74 3.43
C ASP A 135 0.27 25.74 4.57
N GLY A 136 0.10 24.80 5.50
CA GLY A 136 0.99 24.67 6.64
C GLY A 136 0.63 25.59 7.80
N GLU A 137 -0.27 26.54 7.57
CA GLU A 137 -0.70 27.48 8.61
C GLU A 137 -2.00 27.07 9.27
N PRO A 138 -1.95 26.72 10.57
CA PRO A 138 -3.15 26.34 11.31
C PRO A 138 -3.98 27.55 11.73
N TYR A 139 -5.31 27.37 11.83
CA TYR A 139 -6.15 28.29 12.57
C TYR A 139 -6.02 27.89 14.04
N SER A 140 -5.50 28.77 14.89
CA SER A 140 -5.11 28.34 16.24
C SER A 140 -5.88 29.00 17.39
N TYR A 141 -6.40 28.17 18.30
CA TYR A 141 -6.98 28.62 19.59
C TYR A 141 -6.91 27.58 20.72
N GLY A 142 -6.74 28.06 21.96
CA GLY A 142 -6.60 27.22 23.15
C GLY A 142 -5.26 27.01 23.87
N PRO A 143 -4.12 26.95 23.13
CA PRO A 143 -2.87 26.15 23.42
C PRO A 143 -2.31 26.14 24.86
N PRO A 144 -1.59 25.04 25.25
CA PRO A 144 -1.44 23.68 24.71
C PRO A 144 -2.18 22.61 25.56
N ILE A 145 -1.97 21.32 25.25
CA ILE A 145 -2.69 20.22 25.93
C ILE A 145 -1.76 19.13 26.46
N GLU A 146 -2.31 18.22 27.25
CA GLU A 146 -1.59 17.08 27.82
C GLU A 146 -1.19 16.05 26.74
N ASP A 147 0.05 15.55 26.79
CA ASP A 147 0.43 14.38 26.00
C ASP A 147 -0.17 13.16 26.69
N PRO A 148 -1.21 12.53 26.07
CA PRO A 148 -1.92 11.39 26.67
C PRO A 148 -1.03 10.16 26.83
N GLN A 149 -1.37 9.29 27.79
CA GLN A 149 -0.64 8.04 28.00
C GLN A 149 -0.99 7.06 26.87
N ARG A 150 0.05 6.47 26.26
CA ARG A 150 -0.17 5.46 25.22
C ARG A 150 0.36 4.10 25.65
N GLU A 151 -0.40 3.05 25.34
CA GLU A 151 -0.04 1.68 25.74
C GLU A 151 0.27 0.81 24.52
N PRO A 152 1.22 -0.15 24.64
CA PRO A 152 1.65 -0.99 23.50
C PRO A 152 0.50 -1.57 22.65
N ALA A 153 -0.44 -2.26 23.28
CA ALA A 153 -1.55 -2.88 22.57
C ALA A 153 -2.65 -1.89 22.15
N GLN A 154 -2.62 -0.68 22.68
CA GLN A 154 -3.67 0.29 22.39
C GLN A 154 -3.78 0.64 20.89
N PRO A 155 -5.02 0.78 20.38
CA PRO A 155 -5.14 1.21 18.99
C PRO A 155 -4.49 2.57 18.73
N ALA A 156 -3.80 2.69 17.60
CA ALA A 156 -3.08 3.89 17.20
C ALA A 156 -3.61 4.47 15.89
N PHE A 157 -3.69 3.64 14.84
CA PHE A 157 -4.22 4.03 13.54
C PHE A 157 -5.05 2.90 12.99
N ILE A 158 -5.90 3.25 12.01
CA ILE A 158 -6.70 2.31 11.29
C ILE A 158 -6.42 2.52 9.78
N PHE A 159 -6.05 1.44 9.12
CA PHE A 159 -5.85 1.47 7.68
C PHE A 159 -6.79 0.48 7.06
N TYR A 160 -7.18 0.72 5.81
CA TYR A 160 -8.19 -0.12 5.16
C TYR A 160 -7.62 -1.08 4.14
N THR A 161 -8.17 -2.27 4.12
CA THR A 161 -7.62 -3.30 3.26
C THR A 161 -8.73 -4.11 2.65
N SER A 162 -8.67 -4.26 1.33
CA SER A 162 -9.70 -5.03 0.57
C SER A 162 -9.78 -6.55 0.83
N GLY A 163 -11.01 -7.06 0.92
CA GLY A 163 -11.26 -8.46 1.28
C GLY A 163 -11.79 -9.28 0.13
N THR A 164 -12.07 -10.56 0.41
CA THR A 164 -12.63 -11.48 -0.59
C THR A 164 -14.00 -10.96 -1.06
N THR A 165 -13.97 -9.95 -1.95
CA THR A 165 -15.11 -9.06 -2.24
C THR A 165 -15.42 -8.14 -1.03
N GLY A 166 -15.06 -6.86 -1.15
CA GLY A 166 -15.24 -5.85 -0.08
C GLY A 166 -16.61 -5.84 0.60
N LEU A 167 -16.93 -4.80 1.39
CA LEU A 167 -16.16 -3.58 1.60
C LEU A 167 -14.76 -3.80 2.21
N PRO A 168 -13.85 -2.81 2.05
CA PRO A 168 -12.57 -2.83 2.74
C PRO A 168 -12.73 -2.97 4.25
N LYS A 169 -11.86 -3.77 4.87
CA LYS A 169 -11.87 -3.95 6.32
C LYS A 169 -10.92 -2.98 7.03
N ALA A 170 -11.30 -2.59 8.23
CA ALA A 170 -10.60 -1.60 9.02
C ALA A 170 -9.60 -2.31 9.94
N ALA A 171 -8.33 -2.40 9.50
CA ALA A 171 -7.29 -3.06 10.28
C ALA A 171 -6.74 -2.11 11.35
N ILE A 172 -6.81 -2.54 12.60
CA ILE A 172 -6.41 -1.71 13.74
C ILE A 172 -4.96 -1.92 14.06
N ILE A 173 -4.17 -0.86 13.93
CA ILE A 173 -2.73 -0.91 14.10
C ILE A 173 -2.41 -0.40 15.51
N PRO A 174 -1.78 -1.26 16.36
CA PRO A 174 -1.54 -0.89 17.75
C PRO A 174 -0.30 0.02 17.91
N GLN A 175 -0.18 0.62 19.10
CA GLN A 175 0.91 1.55 19.37
C GLN A 175 2.29 0.93 19.14
N ARG A 176 2.48 -0.33 19.57
CA ARG A 176 3.79 -1.00 19.50
C ARG A 176 4.27 -1.34 18.09
N ALA A 177 3.37 -1.25 17.11
CA ALA A 177 3.68 -1.64 15.73
C ALA A 177 4.54 -0.58 15.00
N ALA A 178 4.46 0.69 15.41
CA ALA A 178 5.06 1.78 14.60
C ALA A 178 6.57 1.60 14.41
N GLU A 179 7.26 1.22 15.47
CA GLU A 179 8.73 1.16 15.43
C GLU A 179 9.21 0.19 14.35
N SER A 180 8.70 -1.03 14.37
CA SER A 180 9.15 -2.01 13.40
C SER A 180 8.62 -1.75 11.98
N ARG A 181 7.51 -1.01 11.86
CA ARG A 181 6.95 -0.56 10.57
C ARG A 181 7.76 0.59 9.93
N VAL A 182 8.60 1.23 10.73
CA VAL A 182 9.62 2.17 10.28
C VAL A 182 10.95 1.44 10.01
N LEU A 183 11.43 0.69 11.02
CA LEU A 183 12.80 0.20 11.08
C LEU A 183 13.14 -0.87 10.10
N PHE A 184 12.15 -1.52 9.50
CA PHE A 184 12.43 -2.44 8.39
C PHE A 184 13.05 -1.64 7.20
N MET A 185 12.70 -0.36 7.08
CA MET A 185 13.32 0.51 6.05
C MET A 185 14.85 0.64 6.28
N SER A 186 15.27 0.41 7.51
CA SER A 186 16.71 0.45 7.82
C SER A 186 17.30 -0.97 7.67
N THR A 187 16.65 -1.98 8.27
CA THR A 187 17.26 -3.34 8.25
C THR A 187 17.16 -4.02 6.87
N GLN A 188 16.03 -3.88 6.20
CA GLN A 188 15.86 -4.52 4.88
C GLN A 188 16.41 -3.58 3.78
N VAL A 189 15.98 -2.34 3.82
CA VAL A 189 16.26 -1.41 2.72
C VAL A 189 17.56 -0.62 2.86
N GLY A 190 18.06 -0.48 4.08
CA GLY A 190 19.39 0.12 4.31
C GLY A 190 19.35 1.62 4.48
N LEU A 191 18.20 2.19 4.78
CA LEU A 191 18.13 3.59 5.16
C LEU A 191 18.78 3.73 6.51
N ARG A 192 19.41 4.86 6.80
CA ARG A 192 20.00 5.01 8.15
C ARG A 192 19.66 6.39 8.71
N HIS A 193 19.97 6.62 9.99
CA HIS A 193 19.61 7.87 10.66
C HIS A 193 20.45 8.97 10.02
N GLY A 194 19.83 10.12 9.79
CA GLY A 194 20.61 11.28 9.37
C GLY A 194 19.86 12.30 8.52
N ARG A 195 20.34 13.52 8.60
CA ARG A 195 19.82 14.65 7.89
C ARG A 195 20.13 14.58 6.40
N HIS A 196 20.95 13.60 6.00
CA HIS A 196 21.11 13.34 4.58
C HIS A 196 19.79 12.84 3.95
N ASN A 197 18.81 12.38 4.74
CA ASN A 197 17.64 11.66 4.20
C ASN A 197 16.64 12.60 3.53
N VAL A 198 16.47 12.43 2.22
CA VAL A 198 15.43 13.18 1.49
C VAL A 198 14.57 12.14 0.79
N VAL A 199 13.35 12.03 1.28
CA VAL A 199 12.46 10.93 0.89
C VAL A 199 11.32 11.50 0.04
N LEU A 200 11.17 10.98 -1.17
CA LEU A 200 10.08 11.44 -2.05
C LEU A 200 8.78 10.73 -1.68
N GLY A 201 7.80 11.51 -1.24
CA GLY A 201 6.53 10.99 -0.80
C GLY A 201 5.62 10.66 -1.95
N LEU A 202 6.01 9.67 -2.75
CA LEU A 202 5.16 9.18 -3.86
C LEU A 202 4.01 8.26 -3.43
N MET A 203 4.20 7.49 -2.37
CA MET A 203 3.15 6.57 -1.92
C MET A 203 2.07 7.37 -1.21
N PRO A 204 0.77 7.01 -1.40
CA PRO A 204 -0.35 7.70 -0.70
C PRO A 204 -0.36 7.45 0.80
N LEU A 205 -0.85 8.43 1.55
CA LEU A 205 -0.77 8.41 3.01
C LEU A 205 -1.80 7.51 3.67
N TYR A 206 -2.80 7.10 2.88
CA TYR A 206 -3.84 6.21 3.36
C TYR A 206 -3.34 4.76 3.32
N HIS A 207 -2.18 4.54 2.71
CA HIS A 207 -1.55 3.22 2.70
C HIS A 207 -0.40 3.09 3.75
N VAL A 208 -0.27 1.93 4.41
CA VAL A 208 0.70 1.77 5.47
C VAL A 208 2.15 2.02 4.99
N VAL A 209 2.45 1.78 3.73
CA VAL A 209 3.77 2.09 3.23
C VAL A 209 3.92 3.63 3.15
N GLY A 210 2.95 4.28 2.49
CA GLY A 210 2.93 5.74 2.39
C GLY A 210 3.08 6.43 3.73
N PHE A 211 2.61 5.79 4.80
CA PHE A 211 2.61 6.48 6.09
C PHE A 211 3.74 6.09 7.09
N PHE A 212 3.84 4.82 7.43
CA PHE A 212 4.92 4.33 8.27
C PHE A 212 6.29 4.33 7.57
N ALA A 213 6.37 3.74 6.38
CA ALA A 213 7.62 3.36 5.78
C ALA A 213 8.24 4.52 4.98
N VAL A 214 7.44 5.55 4.71
CA VAL A 214 7.85 6.71 3.93
C VAL A 214 7.77 8.01 4.77
N LEU A 215 6.57 8.45 5.15
CA LEU A 215 6.44 9.64 5.96
C LEU A 215 7.09 9.58 7.32
N VAL A 216 6.71 8.60 8.13
CA VAL A 216 7.13 8.54 9.50
C VAL A 216 8.65 8.23 9.51
N ALA A 217 9.05 7.24 8.71
CA ALA A 217 10.48 6.89 8.57
C ALA A 217 11.34 8.11 8.19
N ALA A 218 10.93 8.85 7.16
CA ALA A 218 11.62 10.10 6.75
C ALA A 218 11.87 11.03 7.92
N LEU A 219 10.82 11.26 8.70
CA LEU A 219 10.93 12.17 9.82
C LEU A 219 11.71 11.55 11.02
N ALA A 220 11.39 10.31 11.37
CA ALA A 220 11.94 9.65 12.52
C ALA A 220 13.47 9.49 12.39
N LEU A 221 13.96 9.46 11.16
CA LEU A 221 15.38 9.39 10.86
C LEU A 221 16.01 10.81 10.71
N ASP A 222 15.25 11.85 11.13
CA ASP A 222 15.72 13.27 11.09
C ASP A 222 15.94 13.76 9.67
N GLY A 223 15.23 13.19 8.72
CA GLY A 223 15.32 13.64 7.35
C GLY A 223 14.15 14.54 6.95
N THR A 224 13.99 14.67 5.63
CA THR A 224 12.98 15.51 4.99
C THR A 224 12.04 14.64 4.18
N TYR A 225 10.75 14.90 4.34
CA TYR A 225 9.71 14.34 3.48
C TYR A 225 9.29 15.30 2.34
N VAL A 226 9.50 14.88 1.11
CA VAL A 226 9.03 15.68 -0.02
C VAL A 226 7.61 15.26 -0.48
N VAL A 227 6.67 16.16 -0.22
CA VAL A 227 5.26 16.05 -0.65
C VAL A 227 5.08 16.01 -2.18
N ILE A 228 4.33 15.02 -2.68
CA ILE A 228 3.93 14.99 -4.08
C ILE A 228 2.40 14.97 -4.09
N GLU A 229 1.80 16.03 -4.59
CA GLU A 229 0.33 16.09 -4.61
C GLU A 229 -0.28 15.30 -5.75
N GLU A 230 0.39 15.25 -6.90
CA GLU A 230 -0.05 14.45 -8.04
C GLU A 230 1.16 13.87 -8.78
N PHE A 231 1.15 12.56 -9.00
CA PHE A 231 2.25 11.89 -9.68
C PHE A 231 2.41 12.29 -11.16
N ARG A 232 3.60 12.77 -11.52
CA ARG A 232 3.96 13.09 -12.90
C ARG A 232 5.39 12.65 -13.11
N PRO A 233 5.63 11.69 -14.03
CA PRO A 233 6.94 11.00 -14.08
C PRO A 233 8.18 11.90 -14.31
N VAL A 234 8.11 12.83 -15.27
CA VAL A 234 9.18 13.80 -15.50
C VAL A 234 9.36 14.77 -14.31
N ASP A 235 8.25 15.35 -13.82
CA ASP A 235 8.27 16.23 -12.65
C ASP A 235 8.94 15.52 -11.44
N ALA A 236 8.56 14.25 -11.22
CA ALA A 236 9.07 13.50 -10.09
C ALA A 236 10.57 13.37 -10.21
N LEU A 237 11.04 13.09 -11.43
CA LEU A 237 12.47 12.97 -11.66
C LEU A 237 13.20 14.29 -11.45
N GLN A 238 12.57 15.39 -11.87
CA GLN A 238 13.09 16.74 -11.63
C GLN A 238 13.20 17.02 -10.13
N LEU A 239 12.23 16.55 -9.35
CA LEU A 239 12.29 16.63 -7.88
C LEU A 239 13.46 15.82 -7.29
N VAL A 240 13.64 14.59 -7.77
CA VAL A 240 14.83 13.80 -7.41
C VAL A 240 16.06 14.65 -7.56
N GLN A 241 16.21 15.27 -8.73
CA GLN A 241 17.34 16.18 -9.01
C GLN A 241 17.39 17.45 -8.14
N GLN A 242 16.25 18.13 -8.00
CA GLN A 242 16.22 19.44 -7.36
C GLN A 242 16.43 19.32 -5.86
N GLU A 243 15.74 18.34 -5.30
CA GLU A 243 15.68 18.12 -3.87
C GLU A 243 16.79 17.21 -3.39
N GLN A 244 17.48 16.55 -4.33
CA GLN A 244 18.58 15.64 -3.99
C GLN A 244 17.98 14.48 -3.21
N VAL A 245 16.95 13.89 -3.79
CA VAL A 245 16.23 12.81 -3.13
C VAL A 245 17.15 11.60 -2.98
N THR A 246 17.10 10.97 -1.79
CA THR A 246 17.99 9.84 -1.51
C THR A 246 17.25 8.52 -1.60
N SER A 247 15.95 8.56 -1.31
CA SER A 247 15.17 7.36 -1.47
C SER A 247 13.81 7.60 -2.06
N LEU A 248 13.34 6.61 -2.83
CA LEU A 248 11.98 6.63 -3.30
C LEU A 248 11.33 5.27 -3.28
N PHE A 249 10.08 5.24 -2.81
CA PHE A 249 9.32 4.03 -2.65
C PHE A 249 8.08 4.19 -3.52
N ALA A 250 7.93 3.32 -4.52
CA ALA A 250 6.85 3.45 -5.48
C ALA A 250 6.24 2.09 -5.88
N THR A 251 5.07 2.13 -6.53
CA THR A 251 4.39 0.98 -7.05
C THR A 251 5.06 0.62 -8.39
N PRO A 252 5.00 -0.67 -8.78
CA PRO A 252 5.42 -1.08 -10.13
C PRO A 252 4.99 -0.14 -11.28
N THR A 253 3.83 0.49 -11.14
CA THR A 253 3.27 1.34 -12.18
C THR A 253 4.00 2.67 -12.24
N HIS A 254 4.27 3.24 -11.05
CA HIS A 254 5.11 4.47 -10.92
C HIS A 254 6.48 4.18 -11.56
N LEU A 255 7.06 3.04 -11.22
CA LEU A 255 8.45 2.78 -11.61
C LEU A 255 8.59 2.55 -13.10
N ASP A 256 7.60 1.89 -13.68
CA ASP A 256 7.56 1.69 -15.11
C ASP A 256 7.56 3.05 -15.76
N ALA A 257 6.70 3.95 -15.28
CA ALA A 257 6.63 5.32 -15.83
C ALA A 257 7.96 6.10 -15.68
N LEU A 258 8.55 6.00 -14.49
CA LEU A 258 9.81 6.68 -14.18
C LEU A 258 10.98 6.13 -15.00
N ALA A 259 11.07 4.81 -15.13
CA ALA A 259 12.13 4.18 -15.93
C ALA A 259 12.10 4.66 -17.38
N ALA A 260 10.90 4.72 -17.95
CA ALA A 260 10.71 5.19 -19.30
C ALA A 260 11.02 6.68 -19.47
N ALA A 261 10.57 7.51 -18.52
CA ALA A 261 10.87 8.96 -18.59
C ALA A 261 12.41 9.17 -18.48
N ALA A 262 13.02 8.45 -17.53
CA ALA A 262 14.49 8.46 -17.35
C ALA A 262 15.29 7.99 -18.58
N ALA A 263 14.82 6.90 -19.20
CA ALA A 263 15.38 6.44 -20.47
C ALA A 263 15.32 7.55 -21.51
N HIS A 264 14.17 8.20 -21.63
CA HIS A 264 14.01 9.28 -22.61
C HIS A 264 14.86 10.48 -22.24
N ALA A 265 14.97 10.79 -20.94
CA ALA A 265 15.72 11.98 -20.51
C ALA A 265 17.23 11.83 -20.68
N GLY A 266 17.77 10.67 -20.32
CA GLY A 266 19.21 10.44 -20.41
C GLY A 266 19.99 11.27 -19.41
N SER A 267 21.11 11.84 -19.85
CA SER A 267 21.94 12.65 -18.96
C SER A 267 21.37 14.07 -18.72
N SER A 268 20.19 14.35 -19.30
CA SER A 268 19.47 15.62 -19.05
C SER A 268 19.03 15.73 -17.59
N LEU A 269 18.66 14.59 -17.01
CA LEU A 269 18.28 14.49 -15.60
C LEU A 269 19.40 13.87 -14.80
N LYS A 270 19.88 14.58 -13.78
CA LYS A 270 20.88 14.05 -12.88
C LYS A 270 20.18 13.33 -11.71
N LEU A 271 20.35 12.01 -11.64
CA LEU A 271 19.69 11.20 -10.59
C LEU A 271 20.69 10.58 -9.59
N ASP A 272 21.89 11.16 -9.55
CA ASP A 272 23.01 10.69 -8.72
C ASP A 272 22.66 10.48 -7.24
N SER A 273 21.94 11.45 -6.67
CA SER A 273 21.61 11.46 -5.26
C SER A 273 20.74 10.30 -4.83
N LEU A 274 20.09 9.63 -5.78
CA LEU A 274 19.10 8.62 -5.44
C LEU A 274 19.77 7.27 -5.18
N ARG A 275 19.81 6.86 -3.91
CA ARG A 275 20.47 5.60 -3.52
C ARG A 275 19.52 4.41 -3.33
N HIS A 276 18.23 4.65 -3.16
CA HIS A 276 17.30 3.56 -2.80
C HIS A 276 16.03 3.68 -3.65
N VAL A 277 15.76 2.64 -4.45
CA VAL A 277 14.51 2.57 -5.24
C VAL A 277 13.81 1.32 -4.73
N THR A 278 12.75 1.53 -3.96
CA THR A 278 12.02 0.45 -3.29
C THR A 278 10.62 0.30 -3.92
N PHE A 279 10.15 -0.95 -4.01
CA PHE A 279 8.83 -1.24 -4.52
C PHE A 279 8.21 -2.42 -3.83
N ALA A 280 6.90 -2.39 -3.79
CA ALA A 280 6.07 -3.31 -3.03
C ALA A 280 4.69 -3.10 -3.53
N GLY A 281 3.81 -4.03 -3.19
CA GLY A 281 2.37 -3.84 -3.37
C GLY A 281 1.76 -4.71 -4.44
N ALA A 282 2.48 -4.79 -5.55
CA ALA A 282 2.08 -5.64 -6.65
C ALA A 282 3.26 -6.53 -7.03
N THR A 283 2.98 -7.54 -7.85
CA THR A 283 4.06 -8.29 -8.46
C THR A 283 4.38 -7.74 -9.86
N MET A 284 5.49 -7.01 -9.89
CA MET A 284 6.07 -6.38 -11.08
C MET A 284 6.47 -7.31 -12.23
N PRO A 285 6.02 -7.01 -13.46
CA PRO A 285 6.52 -7.84 -14.58
C PRO A 285 8.05 -7.80 -14.72
N ASP A 286 8.60 -8.81 -15.40
CA ASP A 286 10.04 -8.93 -15.57
C ASP A 286 10.57 -7.84 -16.49
N ALA A 287 9.75 -7.48 -17.47
CA ALA A 287 10.04 -6.40 -18.40
C ALA A 287 10.15 -5.03 -17.71
N VAL A 288 9.21 -4.73 -16.79
CA VAL A 288 9.29 -3.50 -15.98
C VAL A 288 10.54 -3.53 -15.10
N LEU A 289 10.77 -4.66 -14.44
CA LEU A 289 11.95 -4.78 -13.57
C LEU A 289 13.23 -4.45 -14.35
N GLU A 290 13.38 -5.10 -15.51
CA GLU A 290 14.55 -4.91 -16.34
C GLU A 290 14.78 -3.44 -16.72
N THR A 291 13.73 -2.73 -17.08
CA THR A 291 13.86 -1.30 -17.37
C THR A 291 14.22 -0.51 -16.12
N VAL A 292 13.76 -1.00 -14.97
CA VAL A 292 14.10 -0.37 -13.69
C VAL A 292 15.63 -0.42 -13.46
N HIS A 293 16.22 -1.61 -13.57
CA HIS A 293 17.66 -1.82 -13.44
C HIS A 293 18.43 -1.06 -14.53
N GLN A 294 17.91 -1.10 -15.74
CA GLN A 294 18.55 -0.39 -16.84
C GLN A 294 18.56 1.16 -16.71
N HIS A 295 17.44 1.75 -16.29
CA HIS A 295 17.31 3.22 -16.40
C HIS A 295 17.18 4.03 -15.13
N LEU A 296 17.13 3.34 -13.99
CA LEU A 296 17.06 4.02 -12.71
C LEU A 296 18.29 3.74 -11.83
N PRO A 297 18.76 4.76 -11.10
CA PRO A 297 19.96 4.57 -10.30
C PRO A 297 19.63 3.94 -8.95
N GLY A 298 20.62 3.74 -8.12
CA GLY A 298 20.37 3.30 -6.72
C GLY A 298 20.13 1.82 -6.55
N GLU A 299 20.13 1.37 -5.30
CA GLU A 299 19.84 -0.04 -5.03
C GLU A 299 18.36 -0.32 -5.16
N LYS A 300 18.04 -1.42 -5.84
CA LYS A 300 16.65 -1.84 -6.04
C LYS A 300 16.30 -2.86 -5.00
N VAL A 301 15.17 -2.67 -4.31
CA VAL A 301 14.72 -3.63 -3.27
C VAL A 301 13.21 -3.88 -3.43
N ASN A 302 12.88 -5.15 -3.61
CA ASN A 302 11.51 -5.66 -3.66
C ASN A 302 11.12 -5.97 -2.20
N ILE A 303 9.94 -5.49 -1.80
CA ILE A 303 9.42 -5.59 -0.43
C ILE A 303 8.06 -6.27 -0.55
N TYR A 304 7.90 -7.47 0.00
CA TYR A 304 6.57 -8.04 0.19
C TYR A 304 6.05 -7.54 1.53
N GLY A 305 4.82 -7.03 1.51
CA GLY A 305 4.20 -6.55 2.73
C GLY A 305 2.68 -6.59 2.72
N THR A 306 2.12 -6.42 3.91
CA THR A 306 0.69 -6.39 4.06
C THR A 306 0.33 -5.26 5.00
N THR A 307 -0.89 -4.76 4.83
CA THR A 307 -1.48 -3.85 5.80
C THR A 307 -1.48 -4.46 7.21
N GLU A 308 -1.77 -5.76 7.30
CA GLU A 308 -1.90 -6.43 8.59
C GLU A 308 -0.59 -6.65 9.37
N ALA A 309 0.51 -6.95 8.67
CA ALA A 309 1.76 -7.29 9.31
C ALA A 309 3.00 -6.51 8.81
N MET A 310 2.79 -5.55 7.90
CA MET A 310 3.88 -4.78 7.28
C MET A 310 4.84 -5.71 6.53
N ASN A 311 6.14 -5.63 6.79
CA ASN A 311 7.10 -6.30 5.88
C ASN A 311 7.42 -7.72 6.32
N SER A 312 7.23 -8.70 5.41
CA SER A 312 7.53 -10.08 5.69
C SER A 312 8.58 -10.76 4.80
N LEU A 313 8.87 -10.17 3.63
CA LEU A 313 9.90 -10.72 2.71
C LEU A 313 10.48 -9.60 1.91
N TYR A 314 11.69 -9.80 1.41
CA TYR A 314 12.32 -8.82 0.56
C TYR A 314 13.39 -9.46 -0.32
N MET A 315 13.92 -8.66 -1.25
CA MET A 315 15.01 -9.05 -2.11
C MET A 315 15.78 -7.83 -2.58
N ARG A 316 17.08 -7.83 -2.34
CA ARG A 316 18.00 -6.84 -2.89
CA ARG A 316 17.96 -6.82 -2.90
C ARG A 316 18.33 -7.17 -4.36
N GLN A 317 18.49 -6.15 -5.20
CA GLN A 317 18.73 -6.32 -6.65
C GLN A 317 18.02 -7.52 -7.25
N PRO A 318 16.68 -7.52 -7.21
CA PRO A 318 15.91 -8.65 -7.68
C PRO A 318 15.90 -8.90 -9.21
N LYS A 319 15.94 -10.19 -9.59
CA LYS A 319 15.91 -10.65 -10.97
C LYS A 319 14.50 -10.98 -11.41
N THR A 320 13.67 -11.41 -10.46
CA THR A 320 12.24 -11.59 -10.69
C THR A 320 11.53 -10.87 -9.56
N GLY A 321 10.26 -10.60 -9.73
CA GLY A 321 9.50 -9.81 -8.76
C GLY A 321 8.72 -10.74 -7.86
N THR A 322 8.92 -12.04 -8.08
CA THR A 322 8.13 -13.08 -7.42
C THR A 322 8.88 -13.76 -6.26
N GLU A 323 10.20 -13.65 -6.27
CA GLU A 323 11.05 -14.37 -5.33
C GLU A 323 11.73 -13.47 -4.31
N MET A 324 11.41 -13.72 -3.04
CA MET A 324 11.84 -12.92 -1.90
C MET A 324 12.08 -13.79 -0.66
N ALA A 325 12.72 -13.22 0.37
CA ALA A 325 13.15 -13.98 1.56
C ALA A 325 12.87 -13.14 2.82
N PRO A 326 12.55 -13.81 3.96
CA PRO A 326 12.23 -13.08 5.19
C PRO A 326 13.39 -12.22 5.69
N GLY A 327 13.08 -11.02 6.17
CA GLY A 327 14.12 -10.22 6.82
C GLY A 327 13.96 -10.08 8.33
N PHE A 328 14.66 -9.10 8.92
CA PHE A 328 14.57 -8.81 10.37
C PHE A 328 13.12 -8.52 10.78
N PHE A 329 12.77 -8.91 12.01
CA PHE A 329 11.41 -8.91 12.58
C PHE A 329 10.57 -10.11 12.10
N SER A 330 10.95 -10.75 10.99
CA SER A 330 10.02 -11.64 10.28
C SER A 330 10.27 -13.13 10.55
N GLU A 331 9.19 -13.90 10.50
CA GLU A 331 9.29 -15.35 10.61
C GLU A 331 8.15 -15.89 9.78
N VAL A 332 8.44 -16.83 8.90
CA VAL A 332 7.43 -17.24 7.92
C VAL A 332 7.40 -18.74 7.71
N ARG A 333 6.30 -19.21 7.14
CA ARG A 333 6.22 -20.56 6.67
C ARG A 333 5.13 -20.64 5.65
N ILE A 334 5.13 -21.77 4.96
CA ILE A 334 4.14 -22.09 3.94
C ILE A 334 3.44 -23.35 4.38
N VAL A 335 2.11 -23.27 4.52
CA VAL A 335 1.31 -24.38 5.06
C VAL A 335 0.20 -24.83 4.11
N ARG A 336 -0.28 -26.06 4.24
CA ARG A 336 -1.35 -26.54 3.35
C ARG A 336 -2.51 -25.55 3.28
N ILE A 337 -3.06 -25.31 2.08
CA ILE A 337 -4.22 -24.43 1.96
C ILE A 337 -5.37 -24.94 2.84
N GLY A 338 -5.92 -24.05 3.65
CA GLY A 338 -7.08 -24.36 4.48
C GLY A 338 -6.78 -25.21 5.69
N GLY A 339 -5.51 -25.37 6.02
CA GLY A 339 -5.07 -26.27 7.10
C GLY A 339 -4.50 -25.51 8.29
N GLY A 340 -3.99 -26.25 9.28
CA GLY A 340 -3.43 -25.64 10.47
C GLY A 340 -2.10 -24.96 10.21
N VAL A 341 -1.74 -24.02 11.10
CA VAL A 341 -0.52 -23.19 11.01
C VAL A 341 0.75 -24.01 11.17
N ASP A 342 0.60 -25.22 11.73
CA ASP A 342 1.69 -26.17 11.92
C ASP A 342 1.79 -27.19 10.76
N GLU A 343 0.87 -27.13 9.79
CA GLU A 343 0.89 -28.06 8.63
C GLU A 343 1.83 -27.64 7.51
N ILE A 344 3.13 -27.69 7.77
CA ILE A 344 4.15 -27.27 6.80
C ILE A 344 4.18 -28.18 5.58
N VAL A 345 4.37 -27.60 4.39
CA VAL A 345 4.47 -28.36 3.13
C VAL A 345 5.88 -28.92 2.91
N ALA A 346 5.99 -29.92 2.04
CA ALA A 346 7.31 -30.40 1.58
C ALA A 346 7.86 -29.38 0.60
N ASN A 347 8.68 -28.45 1.09
CA ASN A 347 9.08 -27.26 0.27
C ASN A 347 9.36 -27.60 -1.20
N GLY A 348 8.80 -26.82 -2.12
CA GLY A 348 8.60 -27.33 -3.49
C GLY A 348 7.14 -27.66 -3.78
N GLU A 349 6.40 -28.09 -2.76
CA GLU A 349 4.92 -28.10 -2.79
C GLU A 349 4.32 -26.70 -2.47
N GLU A 350 3.16 -26.39 -3.08
CA GLU A 350 2.48 -25.10 -2.90
C GLU A 350 1.58 -25.09 -1.67
N GLY A 351 1.50 -23.94 -1.02
CA GLY A 351 0.62 -23.76 0.14
C GLY A 351 0.40 -22.29 0.43
N GLU A 352 -0.17 -21.99 1.59
CA GLU A 352 -0.40 -20.62 1.98
C GLU A 352 0.77 -20.06 2.78
N LEU A 353 1.21 -18.86 2.35
CA LEU A 353 2.16 -18.06 3.11
C LEU A 353 1.49 -17.48 4.36
N ILE A 354 2.10 -17.76 5.51
CA ILE A 354 1.69 -17.24 6.81
C ILE A 354 2.93 -16.72 7.52
N VAL A 355 2.76 -15.67 8.31
CA VAL A 355 3.86 -14.98 8.88
C VAL A 355 3.51 -14.78 10.33
N ALA A 356 4.51 -14.76 11.21
CA ALA A 356 4.21 -14.64 12.63
C ALA A 356 3.61 -13.27 12.90
N ALA A 357 2.62 -13.24 13.79
CA ALA A 357 1.94 -12.03 14.23
C ALA A 357 2.57 -11.51 15.51
N SER A 358 3.55 -10.63 15.38
CA SER A 358 4.28 -10.16 16.55
C SER A 358 4.06 -8.65 16.65
N ASP A 359 5.08 -7.88 17.01
CA ASP A 359 4.91 -6.46 17.30
C ASP A 359 4.37 -5.63 16.16
N SER A 360 4.75 -5.93 14.92
CA SER A 360 4.28 -5.10 13.78
C SER A 360 2.81 -5.32 13.43
N ALA A 361 2.25 -6.45 13.89
CA ALA A 361 0.94 -6.95 13.46
C ALA A 361 -0.27 -6.14 13.94
N PHE A 362 -1.32 -6.11 13.12
CA PHE A 362 -2.59 -5.54 13.56
C PHE A 362 -3.18 -6.34 14.72
N VAL A 363 -4.12 -5.75 15.44
CA VAL A 363 -4.77 -6.42 16.55
C VAL A 363 -6.16 -6.99 16.21
N GLY A 364 -6.61 -6.77 14.99
CA GLY A 364 -7.91 -7.23 14.56
C GLY A 364 -8.51 -6.23 13.60
N TYR A 365 -9.56 -6.65 12.91
CA TYR A 365 -10.39 -5.79 12.07
C TYR A 365 -11.54 -5.24 12.87
N LEU A 366 -11.78 -3.92 12.76
CA LEU A 366 -12.80 -3.25 13.61
C LEU A 366 -14.21 -3.81 13.33
N ASN A 367 -14.88 -4.28 14.40
CA ASN A 367 -16.26 -4.80 14.32
C ASN A 367 -16.45 -5.95 13.31
N GLN A 368 -15.38 -6.69 13.02
CA GLN A 368 -15.48 -7.91 12.21
C GLN A 368 -14.73 -9.09 12.82
N PRO A 369 -15.23 -9.61 13.98
CA PRO A 369 -14.49 -10.65 14.70
C PRO A 369 -14.35 -11.98 13.91
N GLU A 370 -15.26 -12.23 12.99
CA GLU A 370 -15.18 -13.45 12.16
C GLU A 370 -14.05 -13.39 11.14
N ALA A 371 -13.94 -12.27 10.43
CA ALA A 371 -12.81 -12.06 9.53
C ALA A 371 -11.48 -12.04 10.30
N THR A 372 -11.47 -11.49 11.51
CA THR A 372 -10.26 -11.52 12.34
C THR A 372 -9.81 -12.97 12.61
N ALA A 373 -10.76 -13.83 12.98
CA ALA A 373 -10.42 -15.21 13.39
C ALA A 373 -9.98 -16.05 12.19
N GLU A 374 -10.32 -15.62 10.98
CA GLU A 374 -9.84 -16.29 9.79
C GLU A 374 -8.39 -15.92 9.47
N LYS A 375 -7.97 -14.73 9.92
CA LYS A 375 -6.67 -14.13 9.53
C LYS A 375 -5.60 -14.26 10.59
N LEU A 376 -6.00 -14.14 11.85
CA LEU A 376 -5.11 -14.25 13.02
C LEU A 376 -5.39 -15.55 13.78
N GLN A 377 -4.52 -16.52 13.57
CA GLN A 377 -4.68 -17.85 14.10
C GLN A 377 -3.41 -18.34 14.78
N ASP A 378 -3.51 -18.58 16.08
CA ASP A 378 -2.46 -19.25 16.87
C ASP A 378 -1.07 -18.57 16.81
N GLY A 379 -1.08 -17.23 16.82
CA GLY A 379 0.14 -16.43 16.72
C GLY A 379 0.57 -16.06 15.30
N TRP A 380 -0.21 -16.46 14.28
CA TRP A 380 0.18 -16.19 12.89
C TRP A 380 -0.83 -15.32 12.15
N TYR A 381 -0.32 -14.52 11.20
CA TYR A 381 -1.18 -13.82 10.25
C TYR A 381 -1.14 -14.63 8.93
N ARG A 382 -2.31 -15.00 8.42
CA ARG A 382 -2.42 -15.73 7.16
C ARG A 382 -2.59 -14.75 6.00
N THR A 383 -1.72 -14.82 5.02
CA THR A 383 -1.67 -13.78 3.98
C THR A 383 -2.75 -13.90 2.91
N SER A 384 -3.29 -15.12 2.75
CA SER A 384 -4.16 -15.49 1.62
C SER A 384 -3.41 -15.46 0.30
N ASP A 385 -2.09 -15.44 0.36
CA ASP A 385 -1.31 -15.65 -0.85
C ASP A 385 -0.80 -17.08 -0.90
N VAL A 386 -0.78 -17.65 -2.12
CA VAL A 386 -0.13 -18.93 -2.40
C VAL A 386 1.35 -18.72 -2.72
N ALA A 387 2.19 -19.58 -2.15
CA ALA A 387 3.64 -19.46 -2.34
C ALA A 387 4.29 -20.84 -2.42
N VAL A 388 5.55 -20.86 -2.86
CA VAL A 388 6.35 -22.09 -2.85
C VAL A 388 7.83 -21.78 -2.46
N TRP A 389 8.46 -22.64 -1.67
CA TRP A 389 9.90 -22.52 -1.43
C TRP A 389 10.66 -22.98 -2.68
N THR A 390 11.55 -22.14 -3.20
CA THR A 390 12.35 -22.53 -4.34
C THR A 390 13.52 -23.39 -3.86
N PRO A 391 14.12 -24.21 -4.75
CA PRO A 391 15.35 -24.92 -4.42
C PRO A 391 16.45 -23.98 -3.96
N GLU A 392 16.32 -22.69 -4.28
CA GLU A 392 17.30 -21.66 -3.86
C GLU A 392 17.10 -21.09 -2.45
N GLY A 393 16.14 -21.62 -1.67
CA GLY A 393 15.87 -21.09 -0.32
C GLY A 393 15.07 -19.78 -0.26
N THR A 394 14.49 -19.37 -1.38
CA THR A 394 13.58 -18.22 -1.46
C THR A 394 12.11 -18.62 -1.55
N VAL A 395 11.22 -17.67 -1.21
CA VAL A 395 9.79 -17.82 -1.32
C VAL A 395 9.34 -17.24 -2.68
N ARG A 396 8.77 -18.08 -3.56
CA ARG A 396 8.14 -17.59 -4.80
C ARG A 396 6.66 -17.32 -4.53
N ILE A 397 6.24 -16.08 -4.70
CA ILE A 397 4.81 -15.73 -4.57
C ILE A 397 4.05 -16.12 -5.86
N LEU A 398 2.96 -16.86 -5.74
CA LEU A 398 2.28 -17.43 -6.92
C LEU A 398 1.03 -16.68 -7.30
N GLY A 399 0.29 -16.23 -6.29
CA GLY A 399 -0.94 -15.47 -6.48
C GLY A 399 -1.83 -15.62 -5.27
N ARG A 400 -2.98 -14.95 -5.31
CA ARG A 400 -3.98 -15.00 -4.28
C ARG A 400 -4.61 -16.38 -4.22
N VAL A 401 -4.83 -16.87 -3.01
CA VAL A 401 -5.58 -18.13 -2.83
C VAL A 401 -6.96 -17.99 -3.48
N ASP A 402 -7.57 -16.83 -3.30
CA ASP A 402 -8.88 -16.58 -3.82
C ASP A 402 -8.93 -16.55 -5.35
N ASP A 403 -7.86 -16.10 -6.02
CA ASP A 403 -7.83 -16.10 -7.49
C ASP A 403 -7.47 -17.47 -8.09
N MET A 404 -6.95 -18.38 -7.28
CA MET A 404 -6.40 -19.65 -7.76
C MET A 404 -7.51 -20.47 -8.41
N ILE A 405 -7.20 -21.09 -9.54
CA ILE A 405 -8.19 -21.91 -10.26
C ILE A 405 -7.86 -23.38 -10.04
N ILE A 406 -8.90 -24.17 -9.81
CA ILE A 406 -8.75 -25.58 -9.56
C ILE A 406 -9.37 -26.34 -10.74
N SER A 407 -8.51 -26.85 -11.61
CA SER A 407 -8.97 -27.48 -12.83
C SER A 407 -8.36 -28.85 -12.94
N GLY A 408 -9.19 -29.87 -12.84
CA GLY A 408 -8.72 -31.25 -12.84
C GLY A 408 -7.57 -31.59 -11.90
N GLY A 409 -7.78 -31.33 -10.63
CA GLY A 409 -6.79 -31.60 -9.60
C GLY A 409 -5.57 -30.71 -9.49
N GLU A 410 -5.59 -29.59 -10.20
CA GLU A 410 -4.43 -28.71 -10.30
C GLU A 410 -4.77 -27.27 -9.90
N ASN A 411 -3.83 -26.69 -9.13
CA ASN A 411 -3.77 -25.26 -8.93
C ASN A 411 -3.29 -24.59 -10.18
N ILE A 412 -4.03 -23.56 -10.59
CA ILE A 412 -3.63 -22.80 -11.75
C ILE A 412 -3.76 -21.37 -11.30
N HIS A 413 -2.67 -20.63 -11.45
CA HIS A 413 -2.66 -19.26 -10.98
C HIS A 413 -2.84 -18.34 -12.16
N PRO A 414 -3.96 -17.58 -12.18
CA PRO A 414 -4.28 -16.66 -13.27
C PRO A 414 -3.14 -15.68 -13.59
N SER A 415 -2.49 -15.14 -12.54
CA SER A 415 -1.41 -14.16 -12.74
C SER A 415 -0.35 -14.67 -13.72
N GLU A 416 -0.02 -15.96 -13.63
CA GLU A 416 0.98 -16.52 -14.52
C GLU A 416 0.52 -16.46 -15.99
N ILE A 417 -0.75 -16.79 -16.23
CA ILE A 417 -1.28 -16.87 -17.58
C ILE A 417 -1.52 -15.48 -18.15
N GLU A 418 -1.97 -14.56 -17.28
CA GLU A 418 -2.12 -13.16 -17.59
C GLU A 418 -0.79 -12.52 -18.01
N ARG A 419 0.30 -12.93 -17.35
CA ARG A 419 1.68 -12.50 -17.68
C ARG A 419 2.02 -12.84 -19.13
N VAL A 420 1.73 -14.06 -19.53
CA VAL A 420 1.95 -14.53 -20.90
C VAL A 420 0.99 -13.88 -21.90
N LEU A 421 -0.31 -13.91 -21.63
CA LEU A 421 -1.28 -13.27 -22.53
C LEU A 421 -1.02 -11.76 -22.72
N GLY A 422 -0.49 -11.12 -21.68
CA GLY A 422 -0.09 -9.71 -21.72
C GLY A 422 0.91 -9.36 -22.81
N THR A 423 1.76 -10.31 -23.18
CA THR A 423 2.79 -10.08 -24.18
C THR A 423 2.29 -10.39 -25.60
N ALA A 424 1.03 -10.78 -25.75
CA ALA A 424 0.51 -11.11 -27.08
C ALA A 424 0.22 -9.85 -27.89
N PRO A 425 0.51 -9.89 -29.21
CA PRO A 425 0.37 -8.65 -29.98
C PRO A 425 -1.11 -8.26 -30.02
N GLY A 426 -1.41 -7.00 -29.71
CA GLY A 426 -2.80 -6.53 -29.68
C GLY A 426 -3.61 -6.63 -28.38
N VAL A 427 -3.00 -7.15 -27.32
CA VAL A 427 -3.70 -7.30 -26.07
C VAL A 427 -3.35 -6.11 -25.22
N THR A 428 -4.36 -5.32 -24.84
CA THR A 428 -4.09 -4.23 -23.90
C THR A 428 -4.28 -4.62 -22.45
N GLU A 429 -5.15 -5.60 -22.20
CA GLU A 429 -5.53 -6.01 -20.83
C GLU A 429 -6.10 -7.43 -20.81
N VAL A 430 -5.76 -8.22 -19.79
CA VAL A 430 -6.28 -9.59 -19.73
C VAL A 430 -6.50 -10.02 -18.29
N VAL A 431 -7.64 -10.66 -18.02
CA VAL A 431 -7.90 -11.32 -16.75
C VAL A 431 -8.33 -12.77 -16.99
N VAL A 432 -7.74 -13.68 -16.23
CA VAL A 432 -7.98 -15.09 -16.39
C VAL A 432 -8.79 -15.62 -15.22
N ILE A 433 -9.87 -16.34 -15.52
CA ILE A 433 -10.78 -16.80 -14.48
C ILE A 433 -11.08 -18.26 -14.65
N GLY A 434 -11.64 -18.86 -13.59
CA GLY A 434 -12.17 -20.20 -13.64
C GLY A 434 -13.68 -20.10 -13.77
N LEU A 435 -14.24 -20.79 -14.74
CA LEU A 435 -15.70 -20.88 -14.88
C LEU A 435 -16.11 -22.21 -14.31
N ALA A 436 -17.24 -22.20 -13.60
CA ALA A 436 -17.74 -23.41 -12.96
C ALA A 436 -17.95 -24.48 -14.02
N ASP A 437 -17.32 -25.62 -13.79
CA ASP A 437 -17.37 -26.75 -14.68
C ASP A 437 -17.77 -27.97 -13.80
N GLN A 438 -18.86 -28.65 -14.15
CA GLN A 438 -19.41 -29.70 -13.29
C GLN A 438 -18.68 -31.05 -13.45
N TRP A 440 -13.71 -29.46 -15.30
CA TRP A 440 -13.82 -30.37 -14.20
C TRP A 440 -13.43 -29.59 -12.95
N GLY A 441 -14.46 -29.11 -12.26
CA GLY A 441 -14.33 -28.20 -11.14
C GLY A 441 -14.35 -26.81 -11.71
N GLN A 442 -13.33 -26.51 -12.50
CA GLN A 442 -13.24 -25.21 -13.12
C GLN A 442 -12.52 -25.31 -14.45
N SER A 443 -12.91 -24.46 -15.39
CA SER A 443 -12.22 -24.40 -16.66
C SER A 443 -11.51 -23.07 -16.84
N VAL A 444 -10.26 -23.11 -17.26
CA VAL A 444 -9.46 -21.89 -17.38
C VAL A 444 -9.95 -21.05 -18.58
N THR A 445 -10.26 -19.79 -18.30
CA THR A 445 -10.94 -18.90 -19.23
C THR A 445 -10.21 -17.57 -19.28
N ALA A 446 -9.85 -17.12 -20.48
CA ALA A 446 -9.21 -15.79 -20.60
C ALA A 446 -10.16 -14.71 -21.09
N CYS A 447 -10.16 -13.58 -20.41
CA CYS A 447 -10.96 -12.40 -20.80
C CYS A 447 -10.02 -11.29 -21.23
N VAL A 448 -10.10 -10.90 -22.49
CA VAL A 448 -9.04 -10.15 -23.14
C VAL A 448 -9.61 -8.90 -23.79
N VAL A 449 -8.95 -7.77 -23.58
CA VAL A 449 -9.31 -6.51 -24.23
C VAL A 449 -8.29 -6.11 -25.33
N PRO A 450 -8.78 -5.86 -26.56
CA PRO A 450 -7.81 -5.45 -27.59
C PRO A 450 -7.31 -4.00 -27.42
N ARG A 451 -6.10 -3.75 -27.88
CA ARG A 451 -5.63 -2.40 -28.09
C ARG A 451 -6.59 -1.64 -29.04
N LEU A 452 -6.65 -0.33 -28.81
CA LEU A 452 -7.56 0.58 -29.47
C LEU A 452 -7.57 0.35 -30.96
N GLY A 453 -8.72 -0.03 -31.49
CA GLY A 453 -8.86 -0.23 -32.92
C GLY A 453 -8.41 -1.58 -33.44
N GLU A 454 -7.72 -2.36 -32.62
CA GLU A 454 -7.27 -3.69 -33.02
C GLU A 454 -8.31 -4.79 -32.74
N THR A 455 -8.15 -5.91 -33.43
CA THR A 455 -8.97 -7.09 -33.32
C THR A 455 -8.17 -8.22 -32.62
N LEU A 456 -8.88 -9.12 -31.92
CA LEU A 456 -8.27 -10.33 -31.36
C LEU A 456 -9.05 -11.53 -31.83
N SER A 457 -8.43 -12.70 -31.81
CA SER A 457 -9.13 -13.95 -32.13
C SER A 457 -8.72 -15.07 -31.17
N ALA A 458 -9.67 -15.91 -30.79
CA ALA A 458 -9.40 -17.04 -29.89
C ALA A 458 -8.35 -17.95 -30.52
N ASP A 459 -8.53 -18.26 -31.81
CA ASP A 459 -7.58 -19.08 -32.59
C ASP A 459 -6.15 -18.57 -32.47
N ALA A 460 -5.96 -17.28 -32.76
CA ALA A 460 -4.66 -16.62 -32.70
C ALA A 460 -4.10 -16.57 -31.31
N LEU A 461 -4.95 -16.27 -30.32
CA LEU A 461 -4.49 -16.26 -28.93
C LEU A 461 -4.10 -17.64 -28.38
N ASP A 462 -4.82 -18.68 -28.80
CA ASP A 462 -4.49 -20.06 -28.44
C ASP A 462 -3.16 -20.47 -29.05
N THR A 463 -2.98 -20.19 -30.34
CA THR A 463 -1.72 -20.46 -31.01
C THR A 463 -0.55 -19.82 -30.23
N PHE A 464 -0.75 -18.56 -29.84
CA PHE A 464 0.27 -17.83 -29.12
C PHE A 464 0.58 -18.55 -27.84
N CYS A 465 -0.44 -19.00 -27.13
CA CYS A 465 -0.23 -19.76 -25.87
C CYS A 465 0.48 -21.11 -26.07
N ARG A 466 0.19 -21.78 -27.20
CA ARG A 466 0.84 -23.05 -27.57
C ARG A 466 2.33 -22.83 -27.83
N SER A 467 2.69 -21.71 -28.48
CA SER A 467 4.10 -21.30 -28.65
C SER A 467 4.78 -20.83 -27.37
N SER A 468 4.00 -20.54 -26.33
CA SER A 468 4.56 -20.08 -25.06
C SER A 468 5.17 -21.21 -24.22
N GLU A 469 5.77 -20.83 -23.11
CA GLU A 469 6.34 -21.77 -22.13
C GLU A 469 5.28 -22.38 -21.19
N LEU A 470 4.02 -21.95 -21.30
CA LEU A 470 2.94 -22.46 -20.44
C LEU A 470 2.78 -23.96 -20.57
N ALA A 471 2.57 -24.62 -19.42
CA ALA A 471 2.22 -26.03 -19.42
C ALA A 471 0.84 -26.22 -20.08
N ASP A 472 0.71 -27.28 -20.88
CA ASP A 472 -0.53 -27.55 -21.59
C ASP A 472 -1.79 -27.34 -20.73
N PHE A 473 -1.78 -27.91 -19.53
CA PHE A 473 -2.96 -27.87 -18.65
C PHE A 473 -3.29 -26.45 -18.20
N LYS A 474 -2.34 -25.53 -18.35
CA LYS A 474 -2.52 -24.11 -18.03
C LYS A 474 -3.16 -23.27 -19.15
N ARG A 475 -3.08 -23.71 -20.40
CA ARG A 475 -3.67 -22.92 -21.52
C ARG A 475 -5.18 -22.71 -21.34
N PRO A 476 -5.70 -21.50 -21.57
CA PRO A 476 -7.14 -21.33 -21.46
C PRO A 476 -7.91 -22.25 -22.40
N LYS A 477 -9.09 -22.66 -21.95
CA LYS A 477 -10.00 -23.47 -22.76
C LYS A 477 -11.05 -22.64 -23.51
N ARG A 478 -11.23 -21.39 -23.12
CA ARG A 478 -12.13 -20.46 -23.78
C ARG A 478 -11.56 -19.04 -23.69
N TYR A 479 -11.83 -18.24 -24.70
CA TYR A 479 -11.50 -16.82 -24.70
C TYR A 479 -12.74 -15.99 -24.85
N PHE A 480 -12.80 -14.92 -24.08
CA PHE A 480 -13.80 -13.89 -24.29
C PHE A 480 -13.08 -12.58 -24.62
N ILE A 481 -13.38 -12.03 -25.80
CA ILE A 481 -12.83 -10.75 -26.22
C ILE A 481 -13.82 -9.66 -25.80
N LEU A 482 -13.39 -8.77 -24.90
CA LEU A 482 -14.23 -7.75 -24.29
C LEU A 482 -13.71 -6.32 -24.58
N ASP A 483 -14.58 -5.32 -24.57
CA ASP A 483 -14.03 -3.97 -24.74
C ASP A 483 -13.70 -3.24 -23.45
N GLN A 484 -14.03 -3.86 -22.32
CA GLN A 484 -13.72 -3.32 -20.99
C GLN A 484 -13.81 -4.46 -19.98
N LEU A 485 -13.02 -4.38 -18.93
CA LEU A 485 -13.23 -5.26 -17.78
C LEU A 485 -13.94 -4.45 -16.69
N PRO A 486 -14.95 -5.06 -16.01
CA PRO A 486 -15.64 -4.35 -14.93
C PRO A 486 -14.69 -4.16 -13.75
N LYS A 487 -14.60 -2.93 -13.28
CA LYS A 487 -13.71 -2.59 -12.17
C LYS A 487 -14.39 -1.71 -11.13
N ASN A 488 -13.88 -1.73 -9.90
CA ASN A 488 -14.40 -0.85 -8.88
C ASN A 488 -13.78 0.53 -9.02
N ALA A 489 -14.13 1.42 -8.09
CA ALA A 489 -13.59 2.78 -8.05
C ALA A 489 -12.05 2.82 -7.85
N LEU A 490 -11.47 1.74 -7.32
CA LEU A 490 -10.03 1.65 -7.12
C LEU A 490 -9.43 0.85 -8.27
N ASN A 491 -10.14 0.90 -9.40
CA ASN A 491 -9.84 0.14 -10.63
C ASN A 491 -9.18 -1.23 -10.46
N LYS A 492 -9.85 -2.13 -9.73
CA LYS A 492 -9.46 -3.54 -9.69
C LYS A 492 -10.62 -4.36 -10.24
N VAL A 493 -10.29 -5.49 -10.87
CA VAL A 493 -11.30 -6.30 -11.55
C VAL A 493 -12.28 -6.98 -10.57
N LEU A 494 -13.56 -6.67 -10.75
CA LEU A 494 -14.64 -7.37 -10.07
C LEU A 494 -14.78 -8.78 -10.67
N ARG A 495 -13.76 -9.61 -10.39
CA ARG A 495 -13.58 -10.97 -10.93
C ARG A 495 -14.83 -11.83 -10.83
N ARG A 496 -15.50 -11.76 -9.69
CA ARG A 496 -16.74 -12.49 -9.48
C ARG A 496 -17.84 -11.98 -10.42
N GLN A 497 -17.89 -10.66 -10.61
CA GLN A 497 -18.89 -10.04 -11.48
C GLN A 497 -18.57 -10.26 -12.96
N LEU A 498 -17.27 -10.39 -13.26
CA LEU A 498 -16.82 -10.83 -14.59
C LEU A 498 -17.39 -12.21 -14.89
N VAL A 499 -17.07 -13.19 -14.03
CA VAL A 499 -17.65 -14.54 -14.10
C VAL A 499 -19.15 -14.51 -14.46
N GLN A 500 -19.90 -13.64 -13.78
CA GLN A 500 -21.31 -13.43 -14.08
C GLN A 500 -21.53 -12.89 -15.49
N GLN A 501 -20.85 -11.78 -15.81
CA GLN A 501 -20.94 -11.12 -17.12
C GLN A 501 -20.72 -12.06 -18.31
N VAL A 502 -19.79 -13.01 -18.17
CA VAL A 502 -19.48 -13.94 -19.27
C VAL A 502 -20.32 -15.22 -19.29
O2P 00A B . -3.07 -3.01 -0.59
P 00A B . -2.48 -3.87 0.52
O1P 00A B . -3.43 -4.05 1.72
O3P 00A B . -0.94 -3.36 0.95
CC 00A B . 0.45 -3.62 0.40
C1C 00A B . 1.68 -3.59 1.28
C2C 00A B . 1.59 -3.33 2.66
C3C 00A B . 2.74 -3.30 3.50
C4C 00A B . 4.01 -3.54 2.95
CL4A 00A B . 5.52 -3.52 4.00
C5C 00A B . 4.08 -3.79 1.55
C6C 00A B . 2.94 -3.83 0.71
O2 00A B . 0.67 -3.86 -0.81
O5' 00A B . -2.13 -5.35 -0.04
C5' 00A B . -1.53 -5.53 -1.32
C4' 00A B . -1.14 -7.00 -1.41
C3' 00A B . -0.62 -7.65 -0.14
O3' 00A B . -1.64 -8.10 0.77
C2' 00A B . 0.22 -8.79 -0.66
O2' 00A B . -0.61 -9.96 -0.59
C1' 00A B . 0.64 -8.38 -2.08
O4' 00A B . -0.15 -7.25 -2.41
N9 00A B . 2.03 -7.85 -2.13
C4 00A B . 2.94 -8.23 -3.04
C5 00A B . 4.17 -7.45 -2.74
N7 00A B . 3.89 -6.62 -1.69
C8 00A B . 2.62 -6.88 -1.35
C6 00A B . 5.30 -7.74 -3.62
N6 00A B . 6.48 -7.12 -3.50
N1 00A B . 5.16 -8.66 -4.60
C2 00A B . 4.00 -9.35 -4.82
N3 00A B . 2.91 -9.14 -4.06
C1 EDO C . 20.09 21.59 18.88
O1 EDO C . 21.26 22.22 19.45
C2 EDO C . 20.46 20.77 17.63
O2 EDO C . 20.84 21.60 16.51
C1 EDO D . 4.24 6.13 25.94
O1 EDO D . 3.25 7.05 26.51
C2 EDO D . 5.13 6.81 24.88
O2 EDO D . 5.97 5.90 24.14
C1 EDO E . 7.34 16.91 15.99
O1 EDO E . 6.11 16.51 16.65
C2 EDO E . 7.11 17.11 14.48
O2 EDO E . 8.32 17.50 13.77
C1 EDO F . 18.23 -10.84 -0.31
O1 EDO F . 18.37 -9.44 -0.54
C2 EDO F . 17.38 -11.02 0.93
O2 EDO F . 16.23 -11.80 0.59
#